data_5E98
#
_entry.id   5E98
#
_cell.length_a   45.790
_cell.length_b   71.290
_cell.length_c   77.920
_cell.angle_alpha   90.000
_cell.angle_beta   95.060
_cell.angle_gamma   90.000
#
_symmetry.space_group_name_H-M   'P 1 21 1'
#
loop_
_entity.id
_entity.type
_entity.pdbx_description
1 polymer Heparanase
2 polymer Heparanase
3 branched 'beta-D-glucopyranuronic acid-(1-4)-2-deoxy-2-(sulfoamino)-alpha-D-glucopyranose-(1-4)-beta-D-glucopyranuronic acid'
4 non-polymer IMIDAZOLE
5 non-polymer 2-acetamido-2-deoxy-beta-D-glucopyranose
6 non-polymer 'CHLORIDE ION'
7 non-polymer P-NITROPHENOL
8 water water
#
loop_
_entity_poly.entity_id
_entity_poly.type
_entity_poly.pdbx_seq_one_letter_code
_entity_poly.pdbx_strand_id
1 'polypeptide(L)'
;DPGKKFKNSTYSRSSVDVLYTFANCSGLDLIFGLNALLRTADLQWNSSNAQLLLDYCSSKGYNISWELGNEPNSFLKKAD
IFINGSQLGEDFIQLHKLLRKSTFKNAKLYGPDVGQPRRKTAKMLKSFLKAGGEVIDSVTWHHYYLNGRTATREDFLNPD
VLDIFISSVQKVFQVVESTRPGKKVWLGETSSAYGGGAPLLSDTFAAGFMWLDKLGLSARMGIEVVMRQVFFGAGNYHLV
DENFDPLPDYWLSLLFKKLVGTKVLMASVQGSKRRKLRVYLHCTNTDNPRYKEGDLTLYAINLHNVTKYLRLPYPFSNKQ
VDKYLLRPLGPHGLLSKSVQLNGLTLKMVDDQTLPPLMEKPLRPGSSLGLPAFSYSFFVIRNAKVAACI
;
A
2 'polypeptide(L)' DPGQDVVDLDFFTQEPLHLVSPSFLSVTIDANLATDPRFLILLGSPKLRTLARGLSPAYLRFGGTKTDFLIFDPKKE B
#
loop_
_chem_comp.id
_chem_comp.type
_chem_comp.name
_chem_comp.formula
BDP D-saccharide, beta linking 'beta-D-glucopyranuronic acid' 'C6 H10 O7'
CL non-polymer 'CHLORIDE ION' 'Cl -1'
GNS D-saccharide, alpha linking 2-deoxy-2-(sulfoamino)-alpha-D-glucopyranose 'C6 H13 N O8 S'
IMD non-polymer IMIDAZOLE 'C3 H5 N2 1'
NAG D-saccharide, beta linking 2-acetamido-2-deoxy-beta-D-glucopyranose 'C8 H15 N O6'
NPO non-polymer P-NITROPHENOL 'C6 H5 N O3'
#
# COMPACT_ATOMS: atom_id res chain seq x y z
N LYS A 5 -11.75 -23.85 -8.66
CA LYS A 5 -12.21 -23.84 -7.23
C LYS A 5 -13.16 -22.67 -6.98
N PHE A 6 -12.90 -21.50 -7.58
CA PHE A 6 -13.64 -20.24 -7.37
C PHE A 6 -15.02 -20.34 -8.04
N LYS A 7 -16.09 -20.10 -7.27
CA LYS A 7 -17.50 -20.09 -7.77
C LYS A 7 -18.01 -18.65 -7.77
N ASN A 8 -18.94 -18.37 -8.67
CA ASN A 8 -19.64 -17.06 -8.80
C ASN A 8 -20.46 -16.82 -7.53
N SER A 9 -20.49 -15.57 -7.08
CA SER A 9 -21.30 -15.10 -5.93
C SER A 9 -21.95 -13.80 -6.37
N THR A 10 -23.01 -13.40 -5.70
CA THR A 10 -23.71 -12.11 -5.97
C THR A 10 -23.48 -11.20 -4.76
N TYR A 11 -23.61 -9.91 -4.98
CA TYR A 11 -23.58 -8.87 -3.94
C TYR A 11 -24.71 -7.90 -4.29
N SER A 12 -25.22 -7.26 -3.26
CA SER A 12 -26.48 -6.49 -3.31
C SER A 12 -26.16 -4.98 -3.27
N ARG A 13 -27.19 -4.16 -3.42
CA ARG A 13 -27.12 -2.68 -3.26
C ARG A 13 -26.67 -2.39 -1.83
N SER A 14 -27.15 -3.20 -0.88
CA SER A 14 -26.81 -3.14 0.56
C SER A 14 -25.28 -3.22 0.72
N SER A 15 -24.66 -4.22 0.12
CA SER A 15 -23.19 -4.48 0.21
C SER A 15 -22.44 -3.27 -0.37
N VAL A 16 -22.87 -2.79 -1.53
CA VAL A 16 -22.26 -1.60 -2.18
C VAL A 16 -22.39 -0.42 -1.24
N ASP A 17 -23.56 -0.25 -0.61
CA ASP A 17 -23.80 0.86 0.36
C ASP A 17 -22.85 0.71 1.57
N VAL A 18 -22.73 -0.49 2.16
CA VAL A 18 -21.85 -0.78 3.35
C VAL A 18 -20.44 -0.29 3.00
N LEU A 19 -19.92 -0.75 1.88
CA LEU A 19 -18.56 -0.40 1.36
C LEU A 19 -18.39 1.11 1.10
N TYR A 20 -19.28 1.75 0.35
CA TYR A 20 -19.16 3.20 0.07
C TYR A 20 -19.23 4.01 1.37
N THR A 21 -20.14 3.67 2.29
CA THR A 21 -20.35 4.52 3.49
C THR A 21 -19.15 4.38 4.42
N PHE A 22 -18.61 3.17 4.52
CA PHE A 22 -17.31 2.87 5.20
C PHE A 22 -16.23 3.82 4.68
N ALA A 23 -16.07 3.95 3.35
CA ALA A 23 -15.00 4.75 2.74
C ALA A 23 -15.29 6.24 2.94
N ASN A 24 -16.53 6.66 2.65
CA ASN A 24 -16.96 8.08 2.81
C ASN A 24 -16.78 8.51 4.26
N CYS A 25 -17.25 7.71 5.24
CA CYS A 25 -17.19 8.05 6.69
C CYS A 25 -15.75 8.05 7.19
N SER A 26 -14.85 7.41 6.44
CA SER A 26 -13.45 7.18 6.87
C SER A 26 -12.53 8.17 6.16
N GLY A 27 -13.03 8.94 5.20
CA GLY A 27 -12.25 9.89 4.40
C GLY A 27 -11.37 9.17 3.37
N LEU A 28 -11.77 7.96 2.97
CA LEU A 28 -11.02 7.13 1.96
C LEU A 28 -11.70 7.24 0.60
N ASP A 29 -10.93 7.11 -0.48
CA ASP A 29 -11.40 7.22 -1.87
C ASP A 29 -11.56 5.80 -2.41
N LEU A 30 -12.80 5.36 -2.69
CA LEU A 30 -13.04 3.95 -3.05
C LEU A 30 -12.66 3.71 -4.52
N ILE A 31 -11.93 2.63 -4.73
CA ILE A 31 -11.67 2.05 -6.08
C ILE A 31 -12.36 0.70 -6.08
N PHE A 32 -13.20 0.42 -7.07
CA PHE A 32 -14.03 -0.80 -7.12
C PHE A 32 -13.63 -1.65 -8.31
N GLY A 33 -13.20 -2.88 -8.08
CA GLY A 33 -12.83 -3.83 -9.13
C GLY A 33 -14.05 -4.49 -9.77
N LEU A 34 -14.21 -4.28 -11.06
CA LEU A 34 -15.30 -4.91 -11.84
C LEU A 34 -14.87 -6.28 -12.33
N ASN A 35 -15.84 -7.15 -12.57
CA ASN A 35 -15.63 -8.54 -13.05
C ASN A 35 -15.22 -8.56 -14.52
N ALA A 36 -14.03 -9.06 -14.85
CA ALA A 36 -13.54 -9.08 -16.24
C ALA A 36 -13.87 -10.41 -16.95
N LEU A 37 -14.39 -11.40 -16.23
CA LEU A 37 -14.57 -12.79 -16.75
C LEU A 37 -15.99 -12.95 -17.32
N LEU A 38 -16.82 -11.90 -17.27
CA LEU A 38 -18.13 -11.86 -17.99
C LEU A 38 -17.82 -11.56 -19.47
N ARG A 39 -17.98 -12.58 -20.31
CA ARG A 39 -17.46 -12.62 -21.70
C ARG A 39 -18.61 -12.88 -22.68
N THR A 40 -18.64 -12.19 -23.82
CA THR A 40 -19.59 -12.50 -24.94
C THR A 40 -19.10 -13.77 -25.64
N ALA A 41 -19.89 -14.25 -26.61
CA ALA A 41 -19.61 -15.44 -27.46
C ALA A 41 -18.16 -15.46 -27.96
N ASP A 42 -17.60 -14.31 -28.38
CA ASP A 42 -16.27 -14.20 -29.03
C ASP A 42 -15.18 -13.65 -28.06
N LEU A 43 -15.31 -13.90 -26.76
CA LEU A 43 -14.37 -13.47 -25.67
C LEU A 43 -14.18 -11.94 -25.66
N GLN A 44 -15.18 -11.17 -26.07
CA GLN A 44 -15.27 -9.72 -25.74
C GLN A 44 -15.80 -9.58 -24.31
N TRP A 45 -15.41 -8.52 -23.60
CA TRP A 45 -15.99 -8.24 -22.26
C TRP A 45 -17.47 -7.89 -22.47
N ASN A 46 -18.34 -8.56 -21.74
CA ASN A 46 -19.77 -8.21 -21.60
C ASN A 46 -19.91 -7.21 -20.46
N SER A 47 -20.20 -5.95 -20.81
CA SER A 47 -20.30 -4.80 -19.87
C SER A 47 -21.67 -4.69 -19.20
N SER A 48 -22.61 -5.59 -19.45
CA SER A 48 -24.03 -5.40 -19.01
C SER A 48 -24.16 -5.37 -17.47
N ASN A 49 -23.42 -6.21 -16.75
CA ASN A 49 -23.49 -6.22 -15.27
C ASN A 49 -22.86 -4.91 -14.75
N ALA A 50 -21.69 -4.52 -15.30
CA ALA A 50 -20.98 -3.28 -14.93
C ALA A 50 -21.91 -2.08 -15.20
N GLN A 51 -22.65 -2.11 -16.31
CA GLN A 51 -23.65 -1.05 -16.61
C GLN A 51 -24.69 -1.01 -15.48
N LEU A 52 -25.14 -2.14 -14.95
CA LEU A 52 -26.16 -2.13 -13.88
C LEU A 52 -25.54 -1.44 -12.65
N LEU A 53 -24.26 -1.74 -12.38
CA LEU A 53 -23.60 -1.17 -11.18
C LEU A 53 -23.31 0.32 -11.38
N LEU A 54 -22.81 0.76 -12.55
CA LEU A 54 -22.51 2.19 -12.81
C LEU A 54 -23.78 3.04 -12.60
N ASP A 55 -24.89 2.60 -13.18
CA ASP A 55 -26.19 3.31 -13.10
C ASP A 55 -26.62 3.40 -11.63
N TYR A 56 -26.54 2.32 -10.86
CA TYR A 56 -26.92 2.32 -9.42
C TYR A 56 -26.05 3.29 -8.62
N CYS A 57 -24.74 3.28 -8.86
CA CYS A 57 -23.77 4.14 -8.14
C CYS A 57 -24.01 5.62 -8.50
N SER A 58 -24.19 5.93 -9.79
CA SER A 58 -24.64 7.26 -10.29
C SER A 58 -25.93 7.72 -9.59
N SER A 59 -26.93 6.84 -9.50
CA SER A 59 -28.27 7.14 -8.92
C SER A 59 -28.14 7.48 -7.41
N LYS A 60 -27.03 7.08 -6.76
CA LYS A 60 -26.77 7.43 -5.33
C LYS A 60 -25.75 8.57 -5.23
N GLY A 61 -25.19 9.04 -6.35
CA GLY A 61 -24.15 10.09 -6.34
C GLY A 61 -22.85 9.60 -5.70
N TYR A 62 -22.55 8.31 -5.80
CA TYR A 62 -21.28 7.73 -5.28
C TYR A 62 -20.11 8.11 -6.20
N ASN A 63 -19.11 8.86 -5.71
CA ASN A 63 -17.86 9.19 -6.47
C ASN A 63 -16.87 8.02 -6.33
N ILE A 64 -16.84 7.14 -7.32
CA ILE A 64 -16.10 5.86 -7.22
C ILE A 64 -15.12 5.81 -8.40
N SER A 65 -13.91 5.32 -8.15
CA SER A 65 -12.93 5.00 -9.21
C SER A 65 -13.01 3.50 -9.53
N TRP A 66 -12.59 3.13 -10.73
CA TRP A 66 -12.83 1.76 -11.26
C TRP A 66 -11.53 1.06 -11.64
N GLU A 67 -11.56 -0.25 -11.54
CA GLU A 67 -10.59 -1.20 -12.12
C GLU A 67 -11.43 -2.27 -12.79
N LEU A 68 -10.79 -3.07 -13.62
CA LEU A 68 -11.48 -4.14 -14.36
C LEU A 68 -10.55 -5.34 -14.40
N GLY A 69 -10.90 -6.37 -13.67
CA GLY A 69 -10.15 -7.62 -13.59
C GLY A 69 -9.10 -7.53 -12.49
N ASN A 70 -8.73 -8.69 -11.98
CA ASN A 70 -7.65 -8.86 -11.00
C ASN A 70 -6.74 -9.97 -11.49
N GLU A 71 -5.44 -9.69 -11.59
CA GLU A 71 -4.44 -10.69 -12.02
C GLU A 71 -4.96 -11.41 -13.26
N PRO A 72 -5.17 -10.70 -14.38
CA PRO A 72 -5.63 -11.34 -15.61
C PRO A 72 -4.60 -12.36 -16.15
N ASN A 73 -3.34 -12.23 -15.75
CA ASN A 73 -2.24 -13.15 -16.12
C ASN A 73 -2.58 -14.59 -15.71
N SER A 74 -3.50 -14.77 -14.74
N SER A 74 -3.44 -14.82 -14.71
CA SER A 74 -3.83 -16.09 -14.12
CA SER A 74 -3.78 -16.20 -14.27
C SER A 74 -5.26 -16.56 -14.48
C SER A 74 -5.27 -16.52 -14.44
N PHE A 75 -5.93 -15.90 -15.42
CA PHE A 75 -7.34 -16.22 -15.76
C PHE A 75 -7.47 -17.63 -16.33
N LEU A 76 -6.46 -18.10 -17.08
CA LEU A 76 -6.43 -19.50 -17.58
C LEU A 76 -6.49 -20.48 -16.39
N LYS A 77 -5.59 -20.35 -15.41
CA LYS A 77 -5.52 -21.23 -14.22
C LYS A 77 -6.80 -21.12 -13.37
N LYS A 78 -7.42 -19.95 -13.31
CA LYS A 78 -8.51 -19.62 -12.35
C LYS A 78 -9.89 -19.95 -12.93
N ALA A 79 -10.03 -19.89 -14.25
CA ALA A 79 -11.33 -19.98 -14.96
C ALA A 79 -11.19 -20.69 -16.31
N ASP A 80 -10.04 -21.30 -16.61
CA ASP A 80 -9.73 -21.96 -17.91
C ASP A 80 -10.14 -21.04 -19.08
N ILE A 81 -10.00 -19.73 -18.91
CA ILE A 81 -10.23 -18.69 -19.96
C ILE A 81 -8.92 -17.91 -20.12
N PHE A 82 -8.43 -17.80 -21.33
CA PHE A 82 -7.26 -16.96 -21.65
C PHE A 82 -7.72 -15.68 -22.36
N ILE A 83 -7.44 -14.55 -21.73
CA ILE A 83 -7.65 -13.21 -22.35
C ILE A 83 -6.28 -12.58 -22.56
N ASN A 84 -5.91 -12.25 -23.79
CA ASN A 84 -4.56 -11.67 -24.03
C ASN A 84 -4.61 -10.19 -23.68
N GLY A 85 -3.43 -9.57 -23.55
CA GLY A 85 -3.35 -8.15 -23.15
C GLY A 85 -4.03 -7.24 -24.15
N SER A 86 -3.96 -7.56 -25.44
CA SER A 86 -4.65 -6.79 -26.52
C SER A 86 -6.17 -6.72 -26.22
N GLN A 87 -6.79 -7.87 -26.08
CA GLN A 87 -8.25 -7.99 -25.79
C GLN A 87 -8.55 -7.23 -24.50
N LEU A 88 -7.70 -7.38 -23.46
CA LEU A 88 -7.98 -6.64 -22.19
C LEU A 88 -7.94 -5.13 -22.41
N GLY A 89 -6.98 -4.60 -23.17
CA GLY A 89 -6.93 -3.17 -23.44
C GLY A 89 -8.23 -2.71 -24.09
N GLU A 90 -8.75 -3.50 -25.02
CA GLU A 90 -10.04 -3.24 -25.75
C GLU A 90 -11.20 -3.21 -24.74
N ASP A 91 -11.22 -4.14 -23.81
CA ASP A 91 -12.21 -4.20 -22.70
C ASP A 91 -12.13 -2.91 -21.88
N PHE A 92 -10.91 -2.43 -21.54
CA PHE A 92 -10.75 -1.16 -20.81
C PHE A 92 -11.28 0.03 -21.63
N ILE A 93 -11.05 0.03 -22.94
CA ILE A 93 -11.54 1.13 -23.82
C ILE A 93 -13.07 1.14 -23.73
N GLN A 94 -13.73 -0.03 -23.75
CA GLN A 94 -15.21 -0.13 -23.61
C GLN A 94 -15.66 0.36 -22.24
N LEU A 95 -14.93 0.06 -21.15
CA LEU A 95 -15.32 0.56 -19.81
C LEU A 95 -15.17 2.07 -19.80
N HIS A 96 -14.11 2.59 -20.43
CA HIS A 96 -13.83 4.04 -20.50
C HIS A 96 -15.03 4.76 -21.14
N LYS A 97 -15.54 4.22 -22.25
CA LYS A 97 -16.71 4.80 -22.97
C LYS A 97 -17.92 4.83 -22.04
N LEU A 98 -18.20 3.76 -21.28
CA LEU A 98 -19.30 3.73 -20.28
C LEU A 98 -19.08 4.81 -19.22
N LEU A 99 -17.84 4.98 -18.70
CA LEU A 99 -17.64 5.99 -17.64
C LEU A 99 -17.87 7.38 -18.24
N ARG A 100 -17.39 7.62 -19.46
CA ARG A 100 -17.47 8.96 -20.12
C ARG A 100 -18.94 9.34 -20.37
N LYS A 101 -19.85 8.36 -20.50
CA LYS A 101 -21.31 8.56 -20.70
C LYS A 101 -22.08 8.48 -19.39
N SER A 102 -21.38 8.38 -18.25
CA SER A 102 -22.00 8.25 -16.91
C SER A 102 -22.10 9.66 -16.31
N THR A 103 -22.69 9.79 -15.12
CA THR A 103 -22.86 11.09 -14.41
C THR A 103 -21.51 11.61 -13.94
N PHE A 104 -20.57 10.71 -13.64
CA PHE A 104 -19.16 11.02 -13.27
C PHE A 104 -18.26 10.77 -14.48
N LYS A 105 -18.24 11.76 -15.37
CA LYS A 105 -17.61 11.75 -16.72
C LYS A 105 -16.08 11.61 -16.60
N ASN A 106 -15.52 12.14 -15.52
CA ASN A 106 -14.06 12.21 -15.33
C ASN A 106 -13.61 11.13 -14.34
N ALA A 107 -14.50 10.20 -13.95
CA ALA A 107 -14.12 9.12 -13.02
C ALA A 107 -12.85 8.46 -13.56
N LYS A 108 -12.00 7.98 -12.65
CA LYS A 108 -10.67 7.42 -12.99
C LYS A 108 -10.78 5.92 -13.19
N LEU A 109 -9.87 5.40 -13.98
CA LEU A 109 -9.82 3.99 -14.40
C LEU A 109 -8.40 3.52 -14.23
N TYR A 110 -8.19 2.46 -13.46
CA TYR A 110 -6.86 1.92 -13.20
C TYR A 110 -6.81 0.48 -13.67
N GLY A 111 -5.66 0.05 -14.11
CA GLY A 111 -5.44 -1.33 -14.45
C GLY A 111 -4.02 -1.54 -14.94
N PRO A 112 -3.69 -2.78 -15.35
CA PRO A 112 -4.60 -3.93 -15.35
C PRO A 112 -4.54 -4.91 -14.16
N ASP A 113 -3.89 -4.49 -13.10
CA ASP A 113 -3.75 -5.29 -11.86
C ASP A 113 -3.12 -6.63 -12.17
N VAL A 114 -2.02 -6.61 -12.93
CA VAL A 114 -1.19 -7.81 -13.19
C VAL A 114 -0.38 -8.15 -11.94
N GLY A 115 0.00 -9.40 -11.87
CA GLY A 115 0.98 -9.87 -10.89
C GLY A 115 2.37 -9.38 -11.23
N GLN A 116 3.33 -9.81 -10.45
CA GLN A 116 4.73 -9.34 -10.56
C GLN A 116 5.30 -9.84 -11.89
N PRO A 117 6.20 -9.06 -12.50
CA PRO A 117 6.51 -9.18 -13.93
C PRO A 117 7.46 -10.30 -14.39
N ARG A 118 7.05 -11.53 -14.22
CA ARG A 118 7.64 -12.69 -14.92
C ARG A 118 7.38 -12.56 -16.43
N ARG A 119 8.06 -13.34 -17.25
CA ARG A 119 8.09 -13.11 -18.72
C ARG A 119 6.66 -13.01 -19.27
N LYS A 120 5.78 -13.93 -18.90
CA LYS A 120 4.42 -13.97 -19.51
C LYS A 120 3.58 -12.78 -19.02
N THR A 121 3.75 -12.40 -17.77
CA THR A 121 3.02 -11.24 -17.22
C THR A 121 3.54 -9.98 -17.89
N ALA A 122 4.86 -9.85 -18.08
CA ALA A 122 5.45 -8.65 -18.69
C ALA A 122 4.93 -8.50 -20.13
N LYS A 123 4.81 -9.62 -20.83
CA LYS A 123 4.27 -9.67 -22.22
C LYS A 123 2.80 -9.21 -22.24
N MET A 124 1.98 -9.72 -21.32
CA MET A 124 0.56 -9.29 -21.19
C MET A 124 0.52 -7.80 -20.86
N LEU A 125 1.35 -7.33 -19.91
CA LEU A 125 1.32 -5.90 -19.56
C LEU A 125 1.68 -5.03 -20.78
N LYS A 126 2.70 -5.42 -21.54
CA LYS A 126 3.15 -4.64 -22.73
C LYS A 126 2.01 -4.53 -23.76
N SER A 127 1.38 -5.67 -24.04
CA SER A 127 0.34 -5.71 -25.10
C SER A 127 -0.89 -4.95 -24.57
N PHE A 128 -1.21 -5.06 -23.27
CA PHE A 128 -2.27 -4.27 -22.63
C PHE A 128 -1.97 -2.78 -22.81
N LEU A 129 -0.75 -2.34 -22.48
CA LEU A 129 -0.52 -0.87 -22.50
C LEU A 129 -0.51 -0.38 -23.96
N LYS A 130 -0.03 -1.20 -24.90
CA LYS A 130 -0.09 -0.86 -26.36
C LYS A 130 -1.57 -0.58 -26.74
N ALA A 131 -2.49 -1.47 -26.39
CA ALA A 131 -3.92 -1.45 -26.76
C ALA A 131 -4.71 -0.41 -25.95
N GLY A 132 -4.66 -0.45 -24.62
CA GLY A 132 -5.58 0.27 -23.73
C GLY A 132 -4.92 1.31 -22.84
N GLY A 133 -3.61 1.52 -22.98
CA GLY A 133 -2.83 2.42 -22.11
C GLY A 133 -3.30 3.86 -22.14
N GLU A 134 -3.95 4.29 -23.24
CA GLU A 134 -4.42 5.68 -23.37
C GLU A 134 -5.54 5.98 -22.36
N VAL A 135 -6.34 5.01 -21.96
CA VAL A 135 -7.53 5.31 -21.13
C VAL A 135 -7.31 5.05 -19.63
N ILE A 136 -6.16 4.50 -19.23
CA ILE A 136 -5.93 4.29 -17.77
C ILE A 136 -5.21 5.51 -17.19
N ASP A 137 -5.54 5.82 -15.96
CA ASP A 137 -5.02 6.96 -15.20
C ASP A 137 -3.69 6.56 -14.54
N SER A 138 -3.54 5.30 -14.22
CA SER A 138 -2.30 4.74 -13.62
C SER A 138 -2.24 3.27 -13.97
N VAL A 139 -1.04 2.74 -14.07
CA VAL A 139 -0.78 1.33 -14.30
C VAL A 139 -0.69 0.62 -12.95
N THR A 140 -1.47 -0.43 -12.75
CA THR A 140 -1.50 -1.15 -11.46
C THR A 140 -0.87 -2.52 -11.61
N TRP A 141 -0.04 -2.89 -10.65
CA TRP A 141 0.52 -4.25 -10.60
C TRP A 141 0.61 -4.66 -9.14
N HIS A 142 0.84 -5.93 -8.90
CA HIS A 142 0.77 -6.54 -7.55
C HIS A 142 2.12 -7.13 -7.19
N HIS A 143 2.43 -7.21 -5.90
CA HIS A 143 3.70 -7.78 -5.41
C HIS A 143 3.52 -8.44 -4.03
N TYR A 144 3.95 -9.69 -3.90
CA TYR A 144 4.13 -10.35 -2.60
C TYR A 144 5.52 -10.94 -2.57
N TYR A 145 6.22 -10.93 -1.44
CA TYR A 145 7.59 -11.49 -1.41
C TYR A 145 7.58 -13.03 -1.39
N LEU A 146 6.66 -13.62 -0.64
CA LEU A 146 6.73 -15.05 -0.17
C LEU A 146 5.35 -15.69 -0.26
N ASN A 147 5.31 -17.01 -0.33
CA ASN A 147 4.14 -17.86 -0.03
C ASN A 147 3.94 -17.93 1.48
N GLY A 148 2.78 -17.50 1.98
CA GLY A 148 2.49 -17.50 3.43
C GLY A 148 2.59 -18.90 4.04
N ARG A 149 2.33 -19.93 3.24
CA ARG A 149 2.33 -21.32 3.76
C ARG A 149 3.74 -21.80 4.16
N THR A 150 4.81 -21.34 3.49
CA THR A 150 6.19 -21.83 3.71
C THR A 150 7.12 -20.74 4.28
N ALA A 151 6.65 -19.50 4.38
CA ALA A 151 7.53 -18.40 4.81
C ALA A 151 8.05 -18.67 6.23
N THR A 152 9.28 -18.31 6.47
CA THR A 152 9.97 -18.45 7.77
C THR A 152 10.21 -17.09 8.41
N ARG A 153 10.46 -17.13 9.71
CA ARG A 153 10.87 -15.91 10.46
C ARG A 153 12.10 -15.33 9.79
N GLU A 154 13.06 -16.21 9.39
CA GLU A 154 14.32 -15.73 8.79
C GLU A 154 14.06 -14.93 7.52
N ASP A 155 13.08 -15.34 6.73
CA ASP A 155 12.69 -14.72 5.43
C ASP A 155 12.27 -13.28 5.70
N PHE A 156 11.49 -13.05 6.77
CA PHE A 156 10.98 -11.69 7.12
C PHE A 156 12.13 -10.74 7.52
N LEU A 157 13.29 -11.29 7.86
CA LEU A 157 14.44 -10.52 8.36
C LEU A 157 15.59 -10.51 7.34
N ASN A 158 15.38 -11.07 6.14
CA ASN A 158 16.51 -11.34 5.23
C ASN A 158 16.59 -10.24 4.17
N PRO A 159 17.69 -9.45 4.15
CA PRO A 159 17.86 -8.41 3.14
C PRO A 159 17.82 -9.00 1.74
N ASP A 160 18.19 -10.28 1.55
CA ASP A 160 18.19 -10.87 0.20
C ASP A 160 16.74 -11.06 -0.26
N VAL A 161 15.79 -11.24 0.64
CA VAL A 161 14.36 -11.34 0.31
C VAL A 161 13.85 -9.93 0.06
N LEU A 162 14.21 -8.98 0.94
CA LEU A 162 13.75 -7.58 0.76
C LEU A 162 14.19 -7.08 -0.63
N ASP A 163 15.43 -7.41 -1.05
CA ASP A 163 16.03 -6.83 -2.27
C ASP A 163 15.35 -7.35 -3.53
N ILE A 164 14.56 -8.44 -3.47
CA ILE A 164 13.97 -8.97 -4.74
C ILE A 164 12.96 -7.96 -5.29
N PHE A 165 12.41 -7.13 -4.42
CA PHE A 165 11.40 -6.14 -4.82
C PHE A 165 12.00 -5.20 -5.85
N ILE A 166 13.27 -4.82 -5.70
CA ILE A 166 13.96 -3.82 -6.57
C ILE A 166 13.89 -4.31 -8.02
N SER A 167 14.18 -5.60 -8.27
CA SER A 167 14.17 -6.11 -9.66
C SER A 167 12.74 -6.15 -10.24
N SER A 168 11.71 -6.42 -9.43
CA SER A 168 10.32 -6.33 -9.93
C SER A 168 10.01 -4.89 -10.33
N VAL A 169 10.32 -3.91 -9.50
CA VAL A 169 9.99 -2.51 -9.84
C VAL A 169 10.69 -2.18 -11.18
N GLN A 170 11.99 -2.50 -11.29
CA GLN A 170 12.75 -2.10 -12.49
C GLN A 170 12.10 -2.71 -13.72
N LYS A 171 11.69 -3.96 -13.65
CA LYS A 171 11.04 -4.65 -14.78
C LYS A 171 9.70 -4.02 -15.18
N VAL A 172 8.85 -3.64 -14.23
CA VAL A 172 7.59 -2.93 -14.55
C VAL A 172 7.92 -1.61 -15.24
N PHE A 173 8.85 -0.79 -14.71
CA PHE A 173 9.18 0.49 -15.37
C PHE A 173 9.75 0.23 -16.78
N GLN A 174 10.49 -0.84 -17.00
CA GLN A 174 11.03 -1.14 -18.36
C GLN A 174 9.88 -1.36 -19.35
N VAL A 175 8.83 -2.03 -18.91
CA VAL A 175 7.64 -2.24 -19.80
C VAL A 175 6.93 -0.92 -20.01
N VAL A 176 6.67 -0.18 -18.96
CA VAL A 176 5.88 1.08 -19.06
C VAL A 176 6.66 2.08 -19.92
N GLU A 177 7.97 2.22 -19.73
CA GLU A 177 8.77 3.22 -20.50
C GLU A 177 8.86 2.84 -22.00
N SER A 178 8.67 1.57 -22.31
CA SER A 178 8.74 1.05 -23.70
C SER A 178 7.39 1.29 -24.41
N THR A 179 6.32 1.71 -23.70
CA THR A 179 4.93 1.71 -24.23
C THR A 179 4.17 3.01 -23.91
N ARG A 180 4.17 3.48 -22.66
CA ARG A 180 3.41 4.67 -22.23
C ARG A 180 4.32 5.49 -21.33
N PRO A 181 5.35 6.14 -21.90
CA PRO A 181 6.35 6.83 -21.11
C PRO A 181 5.68 7.86 -20.21
N GLY A 182 6.06 7.97 -18.94
CA GLY A 182 5.47 8.98 -18.04
C GLY A 182 4.18 8.58 -17.33
N LYS A 183 3.52 7.50 -17.74
CA LYS A 183 2.28 7.02 -17.10
C LYS A 183 2.65 6.66 -15.67
N LYS A 184 1.83 7.08 -14.71
CA LYS A 184 2.04 6.80 -13.26
C LYS A 184 1.93 5.29 -13.04
N VAL A 185 2.72 4.79 -12.11
CA VAL A 185 2.73 3.34 -11.77
C VAL A 185 2.38 3.20 -10.31
N TRP A 186 1.35 2.40 -10.01
CA TRP A 186 0.85 2.11 -8.65
C TRP A 186 1.09 0.65 -8.33
N LEU A 187 1.43 0.36 -7.08
CA LEU A 187 1.29 -1.01 -6.56
C LEU A 187 -0.14 -1.17 -6.06
N GLY A 188 -0.97 -1.88 -6.83
CA GLY A 188 -2.42 -1.97 -6.63
C GLY A 188 -2.85 -2.94 -5.56
N GLU A 189 -1.96 -3.82 -5.12
CA GLU A 189 -2.25 -4.80 -4.06
C GLU A 189 -0.88 -5.36 -3.66
N THR A 190 -0.47 -5.23 -2.42
CA THR A 190 0.87 -5.73 -2.03
C THR A 190 0.85 -6.16 -0.58
N SER A 191 1.68 -7.14 -0.28
CA SER A 191 1.94 -7.48 1.13
C SER A 191 3.14 -8.38 1.27
N SER A 192 3.34 -8.87 2.48
CA SER A 192 4.47 -9.75 2.82
C SER A 192 4.34 -11.07 2.06
N ALA A 193 3.22 -11.73 2.22
CA ALA A 193 3.10 -13.15 1.84
C ALA A 193 1.70 -13.45 1.36
N TYR A 194 1.55 -14.18 0.26
CA TYR A 194 0.21 -14.54 -0.24
C TYR A 194 -0.25 -15.84 0.44
N GLY A 195 -1.38 -16.38 0.04
CA GLY A 195 -2.05 -17.49 0.74
C GLY A 195 -2.67 -17.00 2.04
N GLY A 196 -3.02 -15.74 2.16
CA GLY A 196 -3.59 -15.18 3.39
C GLY A 196 -2.53 -14.68 4.34
N GLY A 197 -1.25 -14.70 3.99
CA GLY A 197 -0.23 -14.25 4.95
C GLY A 197 0.43 -15.43 5.65
N ALA A 198 1.54 -15.17 6.26
CA ALA A 198 2.33 -16.18 6.99
C ALA A 198 1.79 -16.21 8.41
N PRO A 199 1.25 -17.34 8.89
CA PRO A 199 0.83 -17.42 10.28
C PRO A 199 1.90 -17.03 11.29
N LEU A 200 1.46 -16.24 12.25
CA LEU A 200 2.23 -15.75 13.41
C LEU A 200 3.38 -14.89 12.94
N LEU A 201 3.42 -14.49 11.65
CA LEU A 201 4.49 -13.61 11.11
C LEU A 201 3.89 -12.36 10.47
N SER A 202 2.94 -12.51 9.56
CA SER A 202 2.44 -11.38 8.75
C SER A 202 1.66 -10.38 9.61
N ASP A 203 1.25 -10.79 10.80
CA ASP A 203 0.47 -9.93 11.72
C ASP A 203 1.30 -9.49 12.92
N THR A 204 2.63 -9.50 12.85
CA THR A 204 3.49 -9.26 14.03
C THR A 204 4.43 -8.10 13.74
N PHE A 205 5.21 -7.71 14.73
CA PHE A 205 6.19 -6.61 14.63
C PHE A 205 7.15 -6.96 13.48
N ALA A 206 7.43 -8.23 13.32
CA ALA A 206 8.40 -8.73 12.30
C ALA A 206 7.95 -8.36 10.88
N ALA A 207 6.67 -8.25 10.65
CA ALA A 207 6.09 -7.90 9.32
C ALA A 207 6.50 -6.47 8.91
N GLY A 208 6.91 -5.64 9.86
CA GLY A 208 7.15 -4.24 9.62
C GLY A 208 8.39 -4.01 8.80
N PHE A 209 9.37 -4.91 8.84
CA PHE A 209 10.61 -4.71 8.07
C PHE A 209 10.24 -4.74 6.60
N MET A 210 9.48 -5.72 6.15
CA MET A 210 9.06 -5.76 4.74
C MET A 210 8.17 -4.58 4.40
N TRP A 211 7.21 -4.22 5.25
CA TRP A 211 6.29 -3.10 4.93
C TRP A 211 7.02 -1.76 4.82
N LEU A 212 7.82 -1.42 5.80
CA LEU A 212 8.51 -0.12 5.74
C LEU A 212 9.52 -0.11 4.58
N ASP A 213 10.23 -1.22 4.36
CA ASP A 213 11.24 -1.24 3.28
C ASP A 213 10.55 -1.08 1.91
N LYS A 214 9.40 -1.70 1.76
CA LYS A 214 8.64 -1.62 0.49
C LYS A 214 8.16 -0.20 0.25
N LEU A 215 7.67 0.44 1.30
CA LEU A 215 7.30 1.86 1.19
C LEU A 215 8.50 2.73 0.82
N GLY A 216 9.62 2.50 1.47
CA GLY A 216 10.85 3.26 1.22
C GLY A 216 11.34 3.06 -0.22
N LEU A 217 11.40 1.82 -0.69
CA LEU A 217 11.85 1.55 -2.06
C LEU A 217 10.83 2.05 -3.08
N SER A 218 9.55 1.85 -2.82
CA SER A 218 8.52 2.24 -3.80
C SER A 218 8.65 3.75 -4.04
N ALA A 219 8.77 4.51 -2.95
CA ALA A 219 8.85 5.99 -3.03
C ALA A 219 10.13 6.38 -3.75
N ARG A 220 11.24 5.71 -3.45
CA ARG A 220 12.56 6.09 -4.00
C ARG A 220 12.58 5.81 -5.50
N MET A 221 11.92 4.73 -5.93
CA MET A 221 12.02 4.22 -7.30
C MET A 221 10.93 4.80 -8.18
N GLY A 222 9.98 5.58 -7.68
CA GLY A 222 9.05 6.24 -8.62
C GLY A 222 7.63 5.74 -8.56
N ILE A 223 7.33 4.77 -7.71
CA ILE A 223 5.93 4.29 -7.55
C ILE A 223 5.15 5.36 -6.82
N GLU A 224 4.00 5.77 -7.34
CA GLU A 224 3.24 6.93 -6.78
C GLU A 224 2.32 6.57 -5.61
N VAL A 225 1.71 5.38 -5.62
CA VAL A 225 0.73 4.86 -4.63
C VAL A 225 1.04 3.40 -4.36
N VAL A 226 0.98 3.03 -3.09
CA VAL A 226 1.13 1.62 -2.64
C VAL A 226 -0.15 1.23 -1.89
N MET A 227 -0.84 0.18 -2.35
CA MET A 227 -2.08 -0.28 -1.67
C MET A 227 -1.82 -1.55 -0.85
N ARG A 228 -1.93 -1.44 0.46
CA ARG A 228 -1.60 -2.53 1.39
C ARG A 228 -2.76 -3.54 1.41
N GLN A 229 -2.45 -4.78 1.11
CA GLN A 229 -3.31 -5.96 1.37
C GLN A 229 -3.04 -6.40 2.81
N VAL A 230 -4.00 -6.31 3.76
CA VAL A 230 -5.33 -5.69 3.66
C VAL A 230 -5.53 -4.82 4.92
N PHE A 231 -6.46 -3.89 4.87
CA PHE A 231 -6.76 -3.05 6.04
C PHE A 231 -7.39 -3.94 7.11
N PHE A 232 -8.31 -4.77 6.67
CA PHE A 232 -9.18 -5.61 7.50
C PHE A 232 -9.63 -6.82 6.69
N GLY A 233 -9.63 -7.99 7.32
CA GLY A 233 -10.03 -9.25 6.70
C GLY A 233 -9.47 -10.48 7.37
N ALA A 234 -9.74 -11.62 6.79
CA ALA A 234 -9.38 -12.95 7.33
C ALA A 234 -7.87 -13.15 7.35
N GLY A 235 -7.16 -12.68 6.33
CA GLY A 235 -5.71 -12.97 6.18
C GLY A 235 -4.89 -12.35 7.31
N ASN A 236 -3.86 -13.07 7.75
CA ASN A 236 -2.79 -12.73 8.73
C ASN A 236 -2.12 -11.36 8.38
N TYR A 237 -2.18 -10.90 7.13
CA TYR A 237 -1.52 -9.64 6.67
C TYR A 237 -2.42 -8.43 6.88
N HIS A 238 -3.54 -8.63 7.59
CA HIS A 238 -4.40 -7.49 7.95
C HIS A 238 -3.70 -6.47 8.86
N LEU A 239 -4.03 -5.21 8.68
CA LEU A 239 -3.57 -4.15 9.58
C LEU A 239 -4.37 -4.21 10.90
N VAL A 240 -5.60 -4.72 10.82
CA VAL A 240 -6.59 -4.69 11.95
C VAL A 240 -7.21 -6.07 11.98
N ASP A 241 -7.22 -6.73 13.13
CA ASP A 241 -7.73 -8.12 13.22
C ASP A 241 -9.25 -8.09 13.39
N GLU A 242 -9.87 -9.27 13.38
CA GLU A 242 -11.34 -9.41 13.24
C GLU A 242 -12.00 -8.98 14.56
N ASN A 243 -11.23 -8.87 15.64
CA ASN A 243 -11.67 -8.31 16.94
C ASN A 243 -11.46 -6.80 16.96
N PHE A 244 -11.12 -6.18 15.81
CA PHE A 244 -10.93 -4.73 15.61
C PHE A 244 -9.70 -4.23 16.40
N ASP A 245 -8.72 -5.07 16.69
CA ASP A 245 -7.46 -4.61 17.34
C ASP A 245 -6.43 -4.29 16.24
N PRO A 246 -5.83 -3.09 16.25
CA PRO A 246 -4.71 -2.77 15.35
C PRO A 246 -3.47 -3.58 15.67
N LEU A 247 -2.84 -4.05 14.60
CA LEU A 247 -1.58 -4.83 14.65
C LEU A 247 -0.44 -3.87 14.43
N PRO A 248 0.81 -4.33 14.71
CA PRO A 248 1.96 -3.44 14.64
C PRO A 248 2.04 -2.66 13.30
N ASP A 249 1.75 -3.33 12.20
CA ASP A 249 1.80 -2.68 10.88
C ASP A 249 0.75 -1.55 10.79
N TYR A 250 -0.37 -1.58 11.54
CA TYR A 250 -1.27 -0.42 11.57
C TYR A 250 -0.51 0.78 12.13
N TRP A 251 0.11 0.60 13.31
CA TRP A 251 0.77 1.73 14.03
C TRP A 251 1.96 2.24 13.20
N LEU A 252 2.68 1.31 12.57
CA LEU A 252 3.75 1.74 11.62
C LEU A 252 3.17 2.60 10.48
N SER A 253 2.04 2.21 9.92
CA SER A 253 1.37 2.88 8.80
C SER A 253 0.89 4.26 9.26
N LEU A 254 0.38 4.32 10.50
CA LEU A 254 -0.11 5.62 11.03
C LEU A 254 1.07 6.57 11.23
N LEU A 255 2.17 6.10 11.78
CA LEU A 255 3.36 6.96 11.95
C LEU A 255 3.85 7.43 10.57
N PHE A 256 3.90 6.54 9.58
CA PHE A 256 4.41 6.86 8.24
C PHE A 256 3.54 8.00 7.68
N LYS A 257 2.23 7.82 7.80
CA LYS A 257 1.22 8.80 7.33
C LYS A 257 1.47 10.18 7.97
N LYS A 258 1.69 10.21 9.27
CA LYS A 258 1.85 11.50 10.02
C LYS A 258 3.17 12.19 9.71
N LEU A 259 4.24 11.46 9.43
CA LEU A 259 5.61 12.03 9.42
C LEU A 259 6.20 12.19 8.02
N VAL A 260 5.85 11.29 7.09
CA VAL A 260 6.57 11.17 5.80
C VAL A 260 5.85 12.01 4.73
N GLY A 261 6.55 12.93 4.12
CA GLY A 261 5.95 13.82 3.12
C GLY A 261 5.99 13.28 1.71
N THR A 262 5.45 14.04 0.77
CA THR A 262 5.27 13.63 -0.64
C THR A 262 6.59 13.76 -1.42
N LYS A 263 7.51 14.59 -0.99
CA LYS A 263 8.75 14.86 -1.72
C LYS A 263 9.84 13.89 -1.29
N VAL A 264 10.27 13.06 -2.21
CA VAL A 264 11.20 11.95 -1.92
C VAL A 264 12.62 12.44 -2.16
N LEU A 265 13.51 12.17 -1.21
CA LEU A 265 14.93 12.49 -1.30
C LEU A 265 15.69 11.17 -1.21
N MET A 266 16.96 11.24 -0.90
CA MET A 266 17.81 10.02 -0.86
C MET A 266 18.71 10.05 0.34
N ALA A 267 18.90 8.88 0.98
CA ALA A 267 19.92 8.72 2.02
C ALA A 267 20.67 7.46 1.67
N SER A 268 21.92 7.41 2.06
CA SER A 268 22.71 6.17 1.86
C SER A 268 23.76 6.07 2.94
N VAL A 269 24.25 4.87 3.18
CA VAL A 269 25.25 4.66 4.25
C VAL A 269 26.63 4.58 3.62
N GLN A 270 27.57 5.36 4.18
CA GLN A 270 28.97 5.48 3.69
C GLN A 270 29.64 4.12 3.82
N GLY A 271 30.52 3.79 2.87
CA GLY A 271 31.15 2.45 2.73
C GLY A 271 30.22 1.55 1.94
N SER A 272 29.25 2.15 1.25
CA SER A 272 28.09 1.50 0.57
C SER A 272 27.60 0.34 1.44
N LYS A 273 27.63 -0.90 0.92
CA LYS A 273 27.07 -2.11 1.58
C LYS A 273 25.68 -1.80 2.16
N ARG A 274 24.75 -1.43 1.29
CA ARG A 274 23.31 -1.27 1.59
C ARG A 274 22.70 -2.68 1.69
N ARG A 275 22.84 -3.34 2.85
CA ARG A 275 22.14 -4.61 3.06
C ARG A 275 21.27 -4.49 4.30
N LYS A 276 21.85 -4.48 5.50
CA LYS A 276 21.06 -4.68 6.74
C LYS A 276 20.75 -3.33 7.39
N LEU A 277 21.36 -2.23 6.96
CA LEU A 277 20.99 -0.88 7.49
C LEU A 277 20.37 -0.15 6.30
N ARG A 278 19.05 -0.03 6.30
CA ARG A 278 18.29 0.50 5.16
C ARG A 278 17.74 1.87 5.56
N VAL A 279 18.01 2.87 4.73
CA VAL A 279 17.68 4.28 5.07
C VAL A 279 17.00 5.00 3.91
N TYR A 280 16.01 5.80 4.29
CA TYR A 280 15.11 6.51 3.36
C TYR A 280 14.90 7.93 3.89
N LEU A 281 14.76 8.87 2.97
CA LEU A 281 14.69 10.33 3.35
C LEU A 281 13.63 11.02 2.50
N HIS A 282 12.66 11.63 3.18
CA HIS A 282 11.67 12.48 2.49
C HIS A 282 11.67 13.85 3.20
N CYS A 283 11.05 14.81 2.57
CA CYS A 283 10.60 16.02 3.32
C CYS A 283 9.55 15.57 4.35
N THR A 284 9.47 16.27 5.49
CA THR A 284 8.47 15.98 6.52
C THR A 284 7.09 16.31 5.99
N ASN A 285 6.06 15.55 6.35
CA ASN A 285 4.65 15.81 6.00
C ASN A 285 4.23 17.23 6.49
N THR A 286 3.87 18.11 5.57
CA THR A 286 3.44 19.52 5.86
C THR A 286 2.13 19.57 6.68
N ASP A 287 1.38 18.47 6.81
CA ASP A 287 0.11 18.47 7.58
C ASP A 287 0.39 18.14 9.05
N ASN A 288 1.63 17.81 9.43
CA ASN A 288 1.94 17.49 10.83
C ASN A 288 2.11 18.84 11.51
N PRO A 289 1.26 19.17 12.51
CA PRO A 289 1.25 20.50 13.10
C PRO A 289 2.59 20.77 13.78
N ARG A 290 3.24 19.73 14.29
CA ARG A 290 4.45 19.85 15.12
C ARG A 290 5.57 20.48 14.30
N TYR A 291 5.63 20.24 12.99
CA TYR A 291 6.84 20.51 12.17
C TYR A 291 6.53 21.60 11.16
N LYS A 292 7.57 22.10 10.53
CA LYS A 292 7.49 23.25 9.62
C LYS A 292 8.18 22.93 8.30
N GLU A 293 7.86 23.75 7.31
CA GLU A 293 8.37 23.66 5.93
C GLU A 293 9.89 23.66 5.99
N GLY A 294 10.51 22.65 5.36
CA GLY A 294 11.96 22.54 5.31
C GLY A 294 12.47 21.39 6.16
N ASP A 295 11.64 20.84 7.04
CA ASP A 295 12.01 19.72 7.96
C ASP A 295 12.16 18.43 7.12
N LEU A 296 13.07 17.55 7.58
CA LEU A 296 13.31 16.21 6.94
C LEU A 296 12.80 15.10 7.81
N THR A 297 12.29 14.05 7.19
CA THR A 297 12.00 12.79 7.88
C THR A 297 12.90 11.70 7.30
N LEU A 298 13.78 11.21 8.12
CA LEU A 298 14.61 10.01 7.87
C LEU A 298 13.88 8.79 8.45
N TYR A 299 13.86 7.65 7.74
CA TYR A 299 13.35 6.43 8.40
C TYR A 299 14.36 5.36 8.08
N ALA A 300 14.54 4.47 9.04
CA ALA A 300 15.65 3.51 8.98
C ALA A 300 15.24 2.18 9.56
N ILE A 301 15.83 1.14 9.00
CA ILE A 301 15.58 -0.27 9.40
C ILE A 301 16.93 -0.82 9.77
N ASN A 302 17.03 -1.46 10.92
CA ASN A 302 18.26 -2.15 11.32
C ASN A 302 17.98 -3.65 11.40
N LEU A 303 18.53 -4.40 10.46
CA LEU A 303 18.38 -5.86 10.43
C LEU A 303 19.65 -6.52 10.98
N HIS A 304 20.58 -5.78 11.53
CA HIS A 304 21.70 -6.37 12.29
C HIS A 304 21.20 -6.87 13.64
N ASN A 305 22.01 -7.69 14.30
CA ASN A 305 21.62 -8.23 15.63
C ASN A 305 22.29 -7.38 16.70
N VAL A 306 22.87 -6.26 16.33
CA VAL A 306 23.40 -5.26 17.30
C VAL A 306 22.86 -3.87 16.96
N THR A 307 22.87 -3.01 17.97
CA THR A 307 22.53 -1.59 17.85
C THR A 307 23.49 -0.93 16.86
N LYS A 308 22.99 -0.10 15.97
CA LYS A 308 23.83 0.77 15.14
C LYS A 308 23.53 2.25 15.48
N TYR A 309 24.56 3.12 15.36
CA TYR A 309 24.51 4.55 15.67
C TYR A 309 24.70 5.31 14.37
N LEU A 310 23.69 6.06 13.94
CA LEU A 310 23.78 6.83 12.68
C LEU A 310 24.26 8.26 12.96
N ARG A 311 25.20 8.75 12.19
CA ARG A 311 25.67 10.15 12.31
C ARG A 311 25.11 10.95 11.12
N LEU A 312 24.41 12.04 11.42
CA LEU A 312 23.82 12.89 10.37
C LEU A 312 24.94 13.70 9.73
N PRO A 313 24.85 13.94 8.41
CA PRO A 313 25.87 14.72 7.74
C PRO A 313 25.67 16.23 7.94
N TYR A 314 26.74 16.99 7.70
CA TYR A 314 26.65 18.46 7.57
C TYR A 314 25.71 18.76 6.40
N PRO A 315 24.83 19.77 6.45
CA PRO A 315 24.69 20.69 7.59
C PRO A 315 23.65 20.38 8.66
N PHE A 316 23.37 19.09 8.94
CA PHE A 316 22.25 18.66 9.81
C PHE A 316 22.81 18.09 11.11
N SER A 317 24.11 18.12 11.32
CA SER A 317 24.80 17.44 12.45
C SER A 317 24.25 17.92 13.81
N ASN A 318 24.01 19.22 13.98
CA ASN A 318 23.66 19.80 15.31
C ASN A 318 22.18 20.18 15.42
N LYS A 319 21.31 19.68 14.54
CA LYS A 319 19.89 20.02 14.59
C LYS A 319 19.20 19.22 15.69
N GLN A 320 18.10 19.75 16.22
CA GLN A 320 17.20 19.00 17.12
C GLN A 320 16.56 17.91 16.25
N VAL A 321 16.62 16.68 16.73
CA VAL A 321 16.00 15.50 16.07
C VAL A 321 14.96 14.92 17.02
N ASP A 322 13.78 14.64 16.49
CA ASP A 322 12.69 13.93 17.18
C ASP A 322 12.70 12.47 16.73
N LYS A 323 12.88 11.56 17.68
CA LYS A 323 12.97 10.10 17.42
C LYS A 323 11.59 9.47 17.59
N TYR A 324 11.26 8.54 16.70
CA TYR A 324 10.01 7.75 16.78
C TYR A 324 10.39 6.29 16.57
N LEU A 325 10.87 5.66 17.61
CA LEU A 325 11.45 4.30 17.58
C LEU A 325 10.40 3.28 17.99
N LEU A 326 10.15 2.30 17.11
CA LEU A 326 9.16 1.23 17.38
C LEU A 326 9.88 -0.03 17.80
N ARG A 327 9.43 -0.62 18.91
CA ARG A 327 10.04 -1.85 19.45
C ARG A 327 8.87 -2.75 19.86
N PRO A 328 8.98 -4.06 19.81
CA PRO A 328 7.85 -4.90 20.23
C PRO A 328 7.65 -4.86 21.76
N LEU A 329 6.40 -5.09 22.19
CA LEU A 329 6.04 -5.31 23.61
C LEU A 329 6.16 -6.81 23.89
N GLY A 330 6.83 -7.19 24.96
CA GLY A 330 7.21 -8.61 25.21
C GLY A 330 5.95 -9.36 25.60
N PRO A 331 6.00 -10.66 25.80
CA PRO A 331 7.24 -11.41 25.76
C PRO A 331 7.66 -12.04 24.44
N HIS A 332 6.87 -11.78 23.39
CA HIS A 332 6.98 -12.51 22.09
C HIS A 332 7.95 -11.84 21.11
N GLY A 333 8.65 -10.84 21.55
CA GLY A 333 9.77 -10.32 20.73
C GLY A 333 9.27 -9.88 19.37
N LEU A 334 10.01 -10.26 18.31
CA LEU A 334 9.60 -9.83 16.96
C LEU A 334 8.28 -10.47 16.58
N LEU A 335 7.82 -11.51 17.30
CA LEU A 335 6.56 -12.20 16.95
C LEU A 335 5.43 -11.62 17.80
N SER A 336 5.66 -10.50 18.43
CA SER A 336 4.63 -9.76 19.21
C SER A 336 3.60 -9.10 18.28
N LYS A 337 2.36 -9.09 18.75
CA LYS A 337 1.26 -8.32 18.14
C LYS A 337 1.05 -6.96 18.81
N SER A 338 1.95 -6.51 19.68
CA SER A 338 1.88 -5.21 20.33
C SER A 338 3.19 -4.46 20.14
N VAL A 339 3.11 -3.16 20.04
CA VAL A 339 4.31 -2.33 19.78
C VAL A 339 4.35 -1.15 20.73
N GLN A 340 5.56 -0.75 21.09
CA GLN A 340 5.81 0.48 21.87
C GLN A 340 6.50 1.52 21.01
N LEU A 341 6.07 2.76 21.15
CA LEU A 341 6.70 3.92 20.52
C LEU A 341 7.50 4.63 21.57
N ASN A 342 8.83 4.59 21.47
CA ASN A 342 9.72 5.26 22.45
C ASN A 342 9.32 4.80 23.87
N GLY A 343 9.06 3.49 24.02
CA GLY A 343 8.82 2.80 25.31
C GLY A 343 7.39 2.92 25.83
N LEU A 344 6.46 3.48 25.05
CA LEU A 344 5.02 3.59 25.41
C LEU A 344 4.21 2.65 24.50
N THR A 345 3.50 1.65 25.05
CA THR A 345 2.62 0.73 24.25
C THR A 345 1.58 1.56 23.49
N LEU A 346 1.45 1.33 22.18
CA LEU A 346 0.43 1.99 21.33
C LEU A 346 -0.89 1.24 21.43
N LYS A 347 -1.92 1.97 21.88
CA LYS A 347 -3.25 1.42 22.12
C LYS A 347 -4.26 2.56 21.95
N MET A 348 -5.44 2.24 21.47
CA MET A 348 -6.51 3.25 21.30
C MET A 348 -6.90 3.74 22.70
N VAL A 349 -7.19 5.03 22.80
CA VAL A 349 -7.64 5.71 24.06
C VAL A 349 -9.06 5.22 24.36
N ASP A 350 -9.89 5.14 23.32
CA ASP A 350 -11.20 4.45 23.30
C ASP A 350 -11.54 4.16 21.84
N ASP A 351 -12.73 3.63 21.56
CA ASP A 351 -13.23 3.28 20.21
C ASP A 351 -13.28 4.50 19.27
N GLN A 352 -13.26 5.73 19.78
CA GLN A 352 -13.32 6.93 18.88
C GLN A 352 -12.01 7.71 18.84
N THR A 353 -10.95 7.33 19.58
CA THR A 353 -9.77 8.20 19.78
C THR A 353 -8.44 7.43 19.64
N LEU A 354 -7.70 7.74 18.57
CA LEU A 354 -6.30 7.29 18.42
C LEU A 354 -5.45 7.99 19.46
N PRO A 355 -4.38 7.34 19.96
CA PRO A 355 -3.54 7.97 20.96
C PRO A 355 -2.71 9.03 20.27
N PRO A 356 -2.13 9.99 21.03
CA PRO A 356 -1.09 10.83 20.47
C PRO A 356 0.16 9.96 20.22
N LEU A 357 0.96 10.33 19.23
CA LEU A 357 2.22 9.61 18.86
C LEU A 357 3.36 10.43 19.43
N MET A 358 3.84 10.10 20.61
CA MET A 358 4.77 11.03 21.33
C MET A 358 6.21 10.80 20.86
N GLU A 359 6.85 11.89 20.46
CA GLU A 359 8.28 11.90 20.03
C GLU A 359 9.20 11.83 21.26
N LYS A 360 10.43 11.39 21.04
CA LYS A 360 11.57 11.49 21.99
C LYS A 360 12.53 12.53 21.41
N PRO A 361 12.63 13.75 21.98
CA PRO A 361 13.64 14.71 21.54
C PRO A 361 15.03 14.20 21.90
N LEU A 362 15.94 14.15 20.92
CA LEU A 362 17.34 13.75 21.21
C LEU A 362 18.17 15.00 21.55
N ARG A 363 19.27 14.77 22.25
CA ARG A 363 20.31 15.80 22.52
C ARG A 363 20.88 16.19 21.16
N PRO A 364 20.83 17.48 20.78
CA PRO A 364 21.43 17.93 19.52
C PRO A 364 22.89 17.46 19.37
N GLY A 365 23.28 17.05 18.15
CA GLY A 365 24.63 16.54 17.83
C GLY A 365 24.81 15.07 18.16
N SER A 366 23.87 14.46 18.87
CA SER A 366 23.97 13.04 19.29
C SER A 366 23.73 12.16 18.05
N SER A 367 24.37 10.99 18.05
CA SER A 367 24.19 9.98 17.00
C SER A 367 22.81 9.34 17.22
N LEU A 368 22.19 8.87 16.15
CA LEU A 368 20.83 8.32 16.17
C LEU A 368 20.97 6.83 16.48
N GLY A 369 20.54 6.40 17.65
CA GLY A 369 20.60 4.99 18.04
C GLY A 369 19.47 4.16 17.46
N LEU A 370 19.81 3.04 16.81
CA LEU A 370 18.81 2.15 16.19
C LEU A 370 19.10 0.77 16.71
N PRO A 371 18.34 0.28 17.71
CA PRO A 371 18.59 -1.06 18.23
C PRO A 371 18.52 -2.16 17.18
N ALA A 372 19.08 -3.30 17.53
CA ALA A 372 18.96 -4.50 16.71
C ALA A 372 17.49 -4.75 16.35
N PHE A 373 17.26 -5.21 15.12
CA PHE A 373 15.94 -5.66 14.64
C PHE A 373 14.88 -4.63 15.05
N SER A 374 15.06 -3.41 14.58
CA SER A 374 14.13 -2.31 14.88
C SER A 374 13.99 -1.37 13.67
N TYR A 375 13.02 -0.52 13.72
CA TYR A 375 12.85 0.56 12.72
C TYR A 375 12.40 1.83 13.45
N SER A 376 12.79 2.95 12.90
CA SER A 376 12.58 4.26 13.56
C SER A 376 12.37 5.31 12.50
N PHE A 377 11.60 6.34 12.85
CA PHE A 377 11.56 7.59 12.09
C PHE A 377 12.33 8.62 12.91
N PHE A 378 12.93 9.58 12.23
CA PHE A 378 13.71 10.68 12.83
C PHE A 378 13.32 11.95 12.08
N VAL A 379 12.78 12.93 12.79
CA VAL A 379 12.45 14.21 12.14
C VAL A 379 13.55 15.20 12.51
N ILE A 380 14.19 15.74 11.51
CA ILE A 380 15.28 16.74 11.63
C ILE A 380 14.61 18.11 11.59
N ARG A 381 14.51 18.69 12.77
CA ARG A 381 13.83 20.00 12.92
C ARG A 381 14.74 21.16 12.48
N ASN A 382 14.08 22.17 11.91
CA ASN A 382 14.73 23.38 11.37
C ASN A 382 15.82 22.97 10.39
N ALA A 383 15.61 21.85 9.68
CA ALA A 383 16.55 21.42 8.62
C ALA A 383 16.67 22.51 7.55
N LYS A 384 15.62 23.33 7.34
CA LYS A 384 15.61 24.45 6.36
C LYS A 384 16.05 23.96 4.98
N VAL A 385 15.57 22.79 4.55
CA VAL A 385 15.87 22.28 3.18
C VAL A 385 15.00 23.01 2.16
N ALA A 386 15.62 23.74 1.24
CA ALA A 386 14.91 24.55 0.23
C ALA A 386 14.05 23.67 -0.66
N ALA A 387 14.52 22.45 -1.01
CA ALA A 387 13.70 21.49 -1.76
C ALA A 387 12.36 21.19 -1.08
N CYS A 388 12.24 21.38 0.25
CA CYS A 388 11.07 20.93 1.05
C CYS A 388 10.15 22.12 1.39
N ILE A 389 10.44 23.29 0.81
CA ILE A 389 9.56 24.49 0.89
C ILE A 389 9.00 24.71 -0.53
N GLN B 4 33.59 -0.76 14.61
CA GLN B 4 32.63 0.01 15.45
C GLN B 4 31.22 -0.19 14.89
N ASP B 5 30.23 0.37 15.59
CA ASP B 5 28.80 0.28 15.19
C ASP B 5 28.31 1.69 14.82
N VAL B 6 29.22 2.58 14.42
CA VAL B 6 28.88 3.99 14.05
C VAL B 6 28.92 4.11 12.53
N VAL B 7 27.91 4.74 11.95
CA VAL B 7 27.71 4.72 10.49
C VAL B 7 27.37 6.14 10.06
N ASP B 8 28.11 6.63 9.09
CA ASP B 8 27.87 7.99 8.57
C ASP B 8 26.83 7.90 7.47
N LEU B 9 25.82 8.77 7.52
CA LEU B 9 24.84 8.87 6.41
C LEU B 9 25.31 9.98 5.45
N ASP B 10 25.00 9.77 4.19
CA ASP B 10 25.03 10.80 3.12
C ASP B 10 23.59 11.08 2.66
N PHE B 11 23.28 12.33 2.46
CA PHE B 11 21.92 12.79 2.07
C PHE B 11 22.01 13.55 0.76
N PHE B 12 21.04 13.31 -0.11
CA PHE B 12 20.79 14.14 -1.31
C PHE B 12 19.55 14.96 -1.01
N THR B 13 19.69 16.29 -0.95
CA THR B 13 18.63 17.23 -0.52
C THR B 13 18.43 18.35 -1.57
N GLN B 14 19.12 18.31 -2.71
CA GLN B 14 19.13 19.50 -3.64
C GLN B 14 17.73 19.70 -4.25
N GLU B 15 17.02 18.63 -4.59
CA GLU B 15 15.68 18.73 -5.18
C GLU B 15 14.94 17.43 -4.94
N PRO B 16 13.59 17.43 -4.97
CA PRO B 16 12.84 16.18 -4.87
C PRO B 16 13.21 15.29 -6.05
N LEU B 17 13.47 14.02 -5.80
CA LEU B 17 13.75 13.00 -6.82
C LEU B 17 12.47 12.41 -7.37
N HIS B 18 11.43 12.34 -6.55
CA HIS B 18 10.08 11.97 -6.96
C HIS B 18 9.09 12.68 -6.07
N LEU B 19 7.87 12.72 -6.54
CA LEU B 19 6.71 13.20 -5.77
C LEU B 19 5.76 12.03 -5.65
N VAL B 20 5.45 11.58 -4.44
CA VAL B 20 4.40 10.54 -4.27
C VAL B 20 3.07 11.24 -4.07
N SER B 21 2.01 10.48 -4.23
CA SER B 21 0.64 11.00 -3.92
C SER B 21 0.54 11.31 -2.44
N PRO B 22 -0.31 12.27 -2.02
CA PRO B 22 -0.66 12.38 -0.62
C PRO B 22 -1.27 11.09 -0.08
N SER B 23 -1.87 10.27 -0.96
CA SER B 23 -2.46 8.96 -0.67
C SER B 23 -1.44 7.83 -0.94
N PHE B 24 -0.14 8.14 -0.94
CA PHE B 24 0.92 7.14 -1.21
C PHE B 24 0.65 5.85 -0.41
N LEU B 25 0.42 5.95 0.89
CA LEU B 25 0.12 4.76 1.71
C LEU B 25 -1.38 4.55 1.68
N SER B 26 -1.82 3.63 0.83
CA SER B 26 -3.24 3.25 0.68
C SER B 26 -3.46 1.81 1.12
N VAL B 27 -4.73 1.36 1.09
CA VAL B 27 -5.10 0.05 1.66
C VAL B 27 -6.15 -0.60 0.77
N THR B 28 -6.31 -1.88 0.97
CA THR B 28 -7.31 -2.68 0.27
C THR B 28 -8.30 -3.28 1.27
N ILE B 29 -9.46 -3.63 0.76
CA ILE B 29 -10.39 -4.64 1.34
C ILE B 29 -10.57 -5.71 0.27
N ASP B 30 -10.28 -6.95 0.61
CA ASP B 30 -10.40 -8.09 -0.32
C ASP B 30 -11.89 -8.29 -0.69
N ALA B 31 -12.16 -8.35 -1.98
CA ALA B 31 -13.48 -8.77 -2.53
C ALA B 31 -14.03 -9.95 -1.70
N ASN B 32 -13.20 -10.90 -1.26
CA ASN B 32 -13.61 -12.10 -0.48
C ASN B 32 -14.49 -11.69 0.72
N LEU B 33 -14.27 -10.52 1.33
CA LEU B 33 -14.97 -10.09 2.57
C LEU B 33 -16.45 -9.80 2.28
N ALA B 34 -16.81 -9.46 1.05
CA ALA B 34 -18.23 -9.17 0.69
C ALA B 34 -19.05 -10.46 0.77
N THR B 35 -18.40 -11.63 0.80
CA THR B 35 -19.09 -12.95 0.90
C THR B 35 -19.21 -13.39 2.37
N ASP B 36 -18.63 -12.65 3.31
CA ASP B 36 -18.77 -12.94 4.75
C ASP B 36 -20.18 -12.47 5.13
N PRO B 37 -21.00 -13.31 5.79
CA PRO B 37 -22.33 -12.90 6.24
C PRO B 37 -22.37 -11.63 7.11
N ARG B 38 -21.33 -11.40 7.91
CA ARG B 38 -21.24 -10.27 8.88
C ARG B 38 -20.67 -9.00 8.22
N PHE B 39 -20.61 -8.94 6.89
CA PHE B 39 -19.98 -7.81 6.15
C PHE B 39 -20.52 -6.48 6.68
N LEU B 40 -21.84 -6.36 6.91
CA LEU B 40 -22.47 -5.10 7.40
C LEU B 40 -22.04 -4.84 8.84
N ILE B 41 -22.04 -5.85 9.68
CA ILE B 41 -21.62 -5.66 11.10
C ILE B 41 -20.18 -5.14 11.08
N LEU B 42 -19.32 -5.80 10.29
CA LEU B 42 -17.85 -5.60 10.36
C LEU B 42 -17.51 -4.14 9.99
N LEU B 43 -17.97 -3.68 8.83
CA LEU B 43 -17.61 -2.36 8.24
C LEU B 43 -18.46 -1.24 8.86
N GLY B 44 -19.52 -1.59 9.60
CA GLY B 44 -20.28 -0.59 10.38
C GLY B 44 -19.54 -0.21 11.65
N SER B 45 -18.57 -1.03 12.08
CA SER B 45 -17.85 -0.88 13.36
C SER B 45 -17.37 0.55 13.48
N PRO B 46 -17.80 1.31 14.51
CA PRO B 46 -17.22 2.63 14.74
C PRO B 46 -15.72 2.57 15.08
N LYS B 47 -15.23 1.51 15.75
CA LYS B 47 -13.78 1.38 16.08
C LYS B 47 -13.01 1.27 14.75
N LEU B 48 -13.54 0.50 13.81
CA LEU B 48 -12.83 0.23 12.54
C LEU B 48 -12.81 1.52 11.72
N ARG B 49 -13.89 2.30 11.76
CA ARG B 49 -13.91 3.58 11.02
C ARG B 49 -12.92 4.55 11.64
N THR B 50 -12.76 4.52 12.97
CA THR B 50 -11.80 5.43 13.63
C THR B 50 -10.40 5.07 13.10
N LEU B 51 -10.10 3.78 13.07
CA LEU B 51 -8.77 3.29 12.59
C LEU B 51 -8.57 3.70 11.13
N ALA B 52 -9.57 3.49 10.28
CA ALA B 52 -9.45 3.86 8.85
C ALA B 52 -9.24 5.37 8.69
N ARG B 53 -9.92 6.19 9.49
CA ARG B 53 -9.77 7.67 9.42
C ARG B 53 -8.32 8.06 9.68
N GLY B 54 -7.61 7.33 10.55
CA GLY B 54 -6.20 7.62 10.85
C GLY B 54 -5.33 7.58 9.60
N LEU B 55 -5.67 6.77 8.60
CA LEU B 55 -4.82 6.62 7.38
C LEU B 55 -5.30 7.52 6.26
N SER B 56 -6.35 8.33 6.49
CA SER B 56 -6.79 9.32 5.51
C SER B 56 -5.72 10.41 5.35
N PRO B 57 -5.43 10.93 4.15
CA PRO B 57 -6.07 10.53 2.91
C PRO B 57 -5.46 9.24 2.37
N ALA B 58 -6.29 8.41 1.77
CA ALA B 58 -5.86 7.15 1.16
C ALA B 58 -6.93 6.65 0.24
N TYR B 59 -6.49 5.85 -0.73
CA TYR B 59 -7.42 5.03 -1.53
C TYR B 59 -7.76 3.79 -0.74
N LEU B 60 -9.01 3.33 -0.92
CA LEU B 60 -9.44 2.03 -0.42
C LEU B 60 -9.81 1.26 -1.67
N ARG B 61 -9.01 0.26 -2.02
CA ARG B 61 -9.28 -0.60 -3.18
C ARG B 61 -10.02 -1.83 -2.73
N PHE B 62 -11.17 -2.06 -3.38
CA PHE B 62 -11.98 -3.26 -3.16
C PHE B 62 -11.74 -4.19 -4.33
N GLY B 63 -11.04 -5.30 -4.08
CA GLY B 63 -10.65 -6.20 -5.17
C GLY B 63 -9.85 -7.34 -4.65
N GLY B 64 -9.37 -8.19 -5.53
CA GLY B 64 -8.78 -9.49 -5.15
C GLY B 64 -9.26 -10.53 -6.12
N THR B 65 -8.86 -11.78 -5.91
CA THR B 65 -9.20 -12.89 -6.83
C THR B 65 -10.71 -12.89 -7.05
N LYS B 66 -11.46 -12.69 -5.97
CA LYS B 66 -12.95 -12.80 -6.02
C LYS B 66 -13.53 -11.69 -6.92
N THR B 67 -12.76 -10.68 -7.33
CA THR B 67 -13.23 -9.59 -8.22
C THR B 67 -13.93 -10.19 -9.44
N ASP B 68 -13.33 -11.25 -9.98
CA ASP B 68 -13.74 -11.83 -11.28
C ASP B 68 -14.74 -12.98 -11.07
N PHE B 69 -15.31 -13.08 -9.86
CA PHE B 69 -16.29 -14.13 -9.46
C PHE B 69 -17.44 -13.50 -8.68
N LEU B 70 -17.62 -12.20 -8.83
CA LEU B 70 -18.68 -11.44 -8.14
C LEU B 70 -19.56 -10.82 -9.20
N ILE B 71 -20.87 -10.94 -9.03
CA ILE B 71 -21.88 -10.39 -9.97
C ILE B 71 -22.81 -9.48 -9.17
N PHE B 72 -23.09 -8.29 -9.68
CA PHE B 72 -24.07 -7.38 -9.07
C PHE B 72 -25.45 -8.01 -9.32
N ASP B 73 -26.27 -8.09 -8.28
CA ASP B 73 -27.71 -8.47 -8.37
C ASP B 73 -28.55 -7.35 -7.78
N PRO B 74 -29.13 -6.47 -8.61
CA PRO B 74 -30.00 -5.37 -8.13
C PRO B 74 -31.28 -5.81 -7.40
N LYS B 75 -31.67 -7.09 -7.45
CA LYS B 75 -32.88 -7.57 -6.72
C LYS B 75 -32.54 -7.94 -5.27
N LYS B 76 -31.36 -8.53 -5.04
CA LYS B 76 -30.94 -9.21 -3.78
C LYS B 76 -31.14 -8.29 -2.55
N GLU B 77 -31.20 -6.97 -2.75
CA GLU B 77 -31.60 -5.96 -1.72
C GLU B 77 -30.46 -5.78 -0.72
C1 BDP C . -3.92 -12.57 -4.34
C2 BDP C . -5.37 -12.18 -4.49
C3 BDP C . -6.04 -12.00 -3.12
C4 BDP C . -5.67 -13.16 -2.18
C5 BDP C . -4.14 -13.17 -2.05
C6 BDP C . -3.58 -14.17 -1.13
O2 BDP C . -5.43 -11.03 -5.36
O3 BDP C . -7.45 -12.01 -3.27
O4 BDP C . -6.24 -13.07 -0.86
O5 BDP C . -3.64 -13.52 -3.32
O6A BDP C . -3.33 -15.39 -1.44
O6B BDP C . -3.39 -13.77 0.08
H1 BDP C . -3.31 -11.67 -4.19
H2 BDP C . -5.87 -13.01 -4.99
H3 BDP C . -5.71 -11.05 -2.68
H4 BDP C . -5.98 -14.10 -2.66
H5 BDP C . -3.78 -12.17 -1.78
HO2 BDP C . -6.34 -10.75 -5.47
HO3 BDP C . -7.87 -11.90 -2.41
HO6B BDP C . -2.90 -14.40 0.62
C1 GNS C . -7.56 -13.58 -0.60
C2 GNS C . -7.78 -13.57 0.91
N2 GNS C . -7.45 -12.25 1.50
S1 GNS C . -8.39 -11.61 2.68
O1S GNS C . -8.08 -12.33 3.93
O2S GNS C . -9.84 -11.87 2.30
O3S GNS C . -8.16 -10.19 3.01
C3 GNS C . -6.92 -14.64 1.60
O3 GNS C . -7.31 -14.79 2.97
C4 GNS C . -7.02 -16.01 0.89
C5 GNS C . -6.79 -15.85 -0.60
O5 GNS C . -7.72 -14.91 -1.13
C6 GNS C . -6.93 -17.09 -1.48
O6 GNS C . -8.31 -17.53 -1.45
O4 GNS C . -6.07 -16.93 1.46
H1 GNS C . -8.31 -12.91 -1.05
H2 GNS C . -8.84 -13.81 1.09
HN21 GNS C . -6.94 -11.56 0.87
H3 GNS C . -5.87 -14.32 1.55
HO3 GNS C . -7.25 -13.95 3.42
H4 GNS C . -8.05 -16.37 1.04
H5 GNS C . -5.77 -15.48 -0.74
H61 GNS C . -6.27 -17.88 -1.14
H62 GNS C . -6.65 -16.84 -2.51
HO6 GNS C . -8.39 -18.34 -1.96
C1 BDP C . -6.67 -18.23 1.61
C2 BDP C . -5.67 -19.36 1.38
C3 BDP C . -6.25 -20.74 1.71
C4 BDP C . -7.15 -20.77 2.94
C5 BDP C . -8.08 -19.56 2.95
C6 BDP C . -9.02 -19.56 4.13
O2 BDP C . -5.27 -19.39 -0.01
O3 BDP C . -5.18 -21.65 1.96
O4 BDP C . -7.88 -22.02 2.90
O5 BDP C . -7.25 -18.39 2.91
O6A BDP C . -9.74 -20.57 4.35
O6B BDP C . -9.08 -18.53 4.84
H1 BDP C . -7.46 -18.36 0.86
H2 BDP C . -4.79 -19.19 2.01
H3 BDP C . -6.83 -21.08 0.85
H4 BDP C . -6.52 -20.74 3.84
H5 BDP C . -8.69 -19.61 2.04
HO2 BDP C . -4.94 -18.54 -0.27
HO3 BDP C . -4.56 -21.62 1.31
HO4 BDP C . -7.35 -22.73 2.83
N1 IMD D . 10.44 7.17 -12.81
C2 IMD D . 10.92 5.77 -12.67
N3 IMD D . 12.32 5.74 -13.11
C4 IMD D . 12.72 7.06 -13.69
C5 IMD D . 11.44 7.95 -13.64
HN1 IMD D . 10.18 7.65 -11.87
H2 IMD D . 10.85 5.47 -11.62
HN3 IMD D . 12.64 4.85 -13.66
H4 IMD D . 13.06 6.94 -14.73
H5 IMD D . 11.67 8.91 -13.15
H51 IMD D . 11.07 8.15 -14.63
H41 IMD D . 13.53 7.50 -13.10
H21 IMD D . 10.31 5.10 -13.27
C1 NAG E . -24.88 -9.96 -21.46
C2 NAG E . -25.29 -10.71 -22.72
C3 NAG E . -26.78 -11.09 -22.63
C4 NAG E . -27.08 -11.76 -21.27
C5 NAG E . -26.62 -10.80 -20.13
C6 NAG E . -27.00 -11.21 -18.70
C7 NAG E . -24.07 -10.20 -24.84
C8 NAG E . -23.76 -9.10 -25.82
N2 NAG E . -24.94 -9.86 -23.86
O3 NAG E . -27.12 -11.97 -23.71
O4 NAG E . -28.46 -12.12 -21.12
O5 NAG E . -25.20 -10.66 -20.26
O6 NAG E . -26.02 -12.05 -18.08
O7 NAG E . -23.53 -11.30 -24.95
H1 NAG E . -25.36 -8.97 -21.47
H2 NAG E . -24.71 -11.65 -22.77
H3 NAG E . -27.37 -10.18 -22.70
H4 NAG E . -26.46 -12.66 -21.19
H5 NAG E . -27.10 -9.82 -20.33
H61 NAG E . -27.96 -11.72 -18.71
H62 NAG E . -27.12 -10.30 -18.10
H81 NAG E . -23.33 -8.29 -25.32
H82 NAG E . -23.10 -9.46 -26.56
H83 NAG E . -24.67 -8.79 -26.29
HN2 NAG E . -25.32 -8.93 -23.87
HO3 NAG E . -28.07 -12.13 -23.65
HO4 NAG E . -28.59 -12.56 -20.26
HO6 NAG E . -26.29 -12.28 -17.16
C1 NAG F . -6.54 -11.53 -28.94
C2 NAG F . -5.81 -12.03 -30.18
C3 NAG F . -6.78 -11.99 -31.36
C4 NAG F . -7.98 -12.89 -31.02
C5 NAG F . -8.61 -12.44 -29.68
C6 NAG F . -9.82 -13.27 -29.21
C7 NAG F . -3.37 -11.76 -30.40
C8 NAG F . -2.29 -10.74 -30.66
N2 NAG F . -4.61 -11.25 -30.44
O3 NAG F . -6.06 -12.38 -32.54
O4 NAG F . -8.91 -12.92 -32.12
O5 NAG F . -7.61 -12.42 -28.64
O6 NAG F . -9.45 -14.49 -28.54
O7 NAG F . -3.13 -12.93 -30.16
H1 NAG F . -6.93 -10.52 -29.14
H2 NAG F . -5.54 -13.08 -30.02
H3 NAG F . -7.14 -10.96 -31.47
H4 NAG F . -7.59 -13.91 -30.87
H5 NAG F . -8.97 -11.40 -29.84
H61 NAG F . -10.45 -13.53 -30.07
H62 NAG F . -10.43 -12.66 -28.53
H81 NAG F . -2.33 -9.98 -29.94
H82 NAG F . -1.34 -11.22 -30.62
H83 NAG F . -2.43 -10.31 -31.63
HN2 NAG F . -4.75 -10.27 -30.64
HO3 NAG F . -6.62 -12.40 -33.29
HO4 NAG F . -9.61 -13.61 -31.89
HO6 NAG F . -10.21 -15.00 -28.27
C1 NAG G . 25.28 -11.90 16.18
C2 NAG G . 25.30 -12.65 17.50
C3 NAG G . 26.63 -13.42 17.53
C4 NAG G . 26.63 -14.34 16.29
C5 NAG G . 26.68 -13.41 15.07
C6 NAG G . 26.91 -14.07 13.72
C7 NAG G . 24.07 -11.29 19.21
C8 NAG G . 24.09 -9.90 19.83
N2 NAG G . 25.18 -11.60 18.52
O3 NAG G . 26.87 -14.07 18.79
O4 NAG G . 27.67 -15.32 16.29
O5 NAG G . 25.44 -12.71 15.03
O6 NAG G . 26.01 -15.17 13.62
O7 NAG G . 23.05 -11.98 19.26
H1 NAG G . 26.09 -11.16 16.21
H2 NAG G . 24.45 -13.36 17.56
H3 NAG G . 27.44 -12.68 17.39
H4 NAG G . 25.66 -14.86 16.26
H5 NAG G . 27.50 -12.69 15.21
H61 NAG G . 27.94 -14.42 13.63
H62 NAG G . 26.72 -13.36 12.91
H81 NAG G . 24.18 -9.17 19.06
H82 NAG G . 23.19 -9.74 20.37
H83 NAG G . 24.92 -9.82 20.48
HN2 NAG G . 25.96 -10.97 18.56
HO3 NAG G . 27.77 -14.47 18.78
HO4 NAG G . 27.57 -15.86 15.49
HO6 NAG G . 26.14 -15.57 12.78
CL CL H . -0.80 7.83 -22.95
C1 NPO I . 0.51 -14.19 -6.20
C2 NPO I . 0.17 -13.49 -5.08
C3 NPO I . -1.16 -13.19 -4.82
C4 NPO I . -2.15 -13.58 -5.70
C5 NPO I . -1.79 -14.28 -6.84
C6 NPO I . -0.49 -14.57 -7.09
OH NPO I . -3.49 -13.28 -5.49
N1 NPO I . 1.85 -14.53 -6.49
O2 NPO I . 2.00 -15.74 -7.17
O3 NPO I . 2.97 -13.77 -6.08
H2 NPO I . 0.95 -13.19 -4.38
H3 NPO I . -1.39 -12.63 -3.92
H5 NPO I . -2.56 -14.60 -7.53
H6 NPO I . -0.23 -15.14 -7.98
HO20 NPO I . 2.94 -15.87 -7.34
HO23 NPO I . 3.80 -14.19 -6.36
#